data_6XEX
#
_entry.id   6XEX
#
_cell.length_a   108.800
_cell.length_b   108.800
_cell.length_c   83.108
_cell.angle_alpha   90.000
_cell.angle_beta   90.000
_cell.angle_gamma   90.000
#
_symmetry.space_group_name_H-M   'P 43 21 2'
#
loop_
_entity.id
_entity.type
_entity.pdbx_description
1 polymer '2,3-butanediol dehydrogenase'
2 non-polymer NICOTINAMIDE-ADENINE-DINUCLEOTIDE
3 non-polymer 'SODIUM ION'
4 non-polymer 1,2-ETHANEDIOL
5 water water
#
_entity_poly.entity_id   1
_entity_poly.type   'polypeptide(L)'
_entity_poly.pdbx_seq_one_letter_code
;MHHHHHHENLYFQGRFDNKVVVITGAGNGMGEAAARRFSAEGAIVVLADWAKEAVDKVAASLPKGRAMAVHIDVSDHVAV
EKMMNEVAEKLGRIDVLLNNAGVHVAGSVLETSIDDWRRIAGVDIDGVVFCSKFALPHLLKTKGCIVNTASQSGLGGDWG
AAYYCAAKGAVVNLTRAMALDHGGDGVRINSVCPSLVKTNMTNGWPQEIRDKFNERIALGRAAEPEEVAAVMAFLASDDA
SFINGANIPVDGGATASDGAPKIV
;
_entity_poly.pdbx_strand_id   A,B
#
loop_
_chem_comp.id
_chem_comp.type
_chem_comp.name
_chem_comp.formula
EDO non-polymer 1,2-ETHANEDIOL 'C2 H6 O2'
NA non-polymer 'SODIUM ION' 'Na 1'
NAD non-polymer NICOTINAMIDE-ADENINE-DINUCLEOTIDE 'C21 H27 N7 O14 P2'
#
# COMPACT_ATOMS: atom_id res chain seq x y z
N GLY A 14 -7.62 -5.61 -19.14
CA GLY A 14 -8.30 -4.28 -19.45
C GLY A 14 -8.72 -3.48 -18.21
N ARG A 15 -7.92 -3.47 -17.13
CA ARG A 15 -8.24 -2.72 -15.87
C ARG A 15 -8.44 -1.22 -16.10
N PHE A 16 -7.74 -0.62 -17.06
CA PHE A 16 -7.77 0.84 -17.30
C PHE A 16 -8.32 1.15 -18.69
N ASP A 17 -9.13 0.24 -19.24
N ASP A 17 -9.14 0.25 -19.23
CA ASP A 17 -9.71 0.36 -20.60
CA ASP A 17 -9.71 0.36 -20.60
C ASP A 17 -10.36 1.74 -20.71
C ASP A 17 -10.39 1.73 -20.73
N ASN A 18 -9.85 2.57 -21.61
CA ASN A 18 -10.41 3.88 -22.04
C ASN A 18 -10.30 4.93 -20.93
N LYS A 19 -9.57 4.64 -19.87
CA LYS A 19 -9.21 5.62 -18.82
C LYS A 19 -8.11 6.51 -19.36
N VAL A 20 -8.23 7.83 -19.16
CA VAL A 20 -7.17 8.77 -19.58
C VAL A 20 -6.23 8.98 -18.39
N VAL A 21 -4.97 8.58 -18.55
CA VAL A 21 -3.93 8.59 -17.48
C VAL A 21 -2.86 9.58 -17.90
N VAL A 22 -2.73 10.68 -17.15
CA VAL A 22 -1.69 11.72 -17.37
C VAL A 22 -0.51 11.40 -16.48
N ILE A 23 0.69 11.29 -17.06
CA ILE A 23 1.91 10.82 -16.34
C ILE A 23 3.04 11.81 -16.61
N THR A 24 3.46 12.52 -15.59
CA THR A 24 4.59 13.47 -15.68
C THR A 24 5.86 12.65 -15.50
N GLY A 25 6.92 13.08 -16.18
CA GLY A 25 8.23 12.39 -16.19
C GLY A 25 8.12 11.05 -16.90
N ALA A 26 7.27 10.98 -17.93
CA ALA A 26 6.93 9.70 -18.57
C ALA A 26 8.01 9.32 -19.60
N GLY A 27 9.04 10.15 -19.84
CA GLY A 27 10.05 9.91 -20.88
C GLY A 27 11.10 8.91 -20.44
N ASN A 28 11.17 8.59 -19.15
CA ASN A 28 12.26 7.75 -18.58
C ASN A 28 11.80 7.05 -17.30
N GLY A 29 12.47 5.98 -16.90
CA GLY A 29 12.42 5.45 -15.52
C GLY A 29 11.04 4.99 -15.08
N MET A 30 10.60 5.38 -13.87
CA MET A 30 9.31 4.94 -13.32
C MET A 30 8.13 5.53 -14.11
N GLY A 31 8.22 6.77 -14.62
CA GLY A 31 7.12 7.32 -15.44
C GLY A 31 6.95 6.51 -16.73
N GLU A 32 8.07 6.19 -17.39
CA GLU A 32 8.03 5.35 -18.62
C GLU A 32 7.43 3.99 -18.26
N ALA A 33 7.92 3.35 -17.21
CA ALA A 33 7.43 2.02 -16.77
C ALA A 33 5.90 2.10 -16.50
N ALA A 34 5.42 3.18 -15.85
CA ALA A 34 3.99 3.41 -15.59
C ALA A 34 3.26 3.55 -16.94
N ALA A 35 3.82 4.29 -17.88
CA ALA A 35 3.18 4.48 -19.21
C ALA A 35 2.92 3.10 -19.83
N ARG A 36 3.93 2.23 -19.80
CA ARG A 36 3.90 0.90 -20.45
C ARG A 36 2.90 0.01 -19.71
N ARG A 37 2.87 0.08 -18.38
CA ARG A 37 1.97 -0.76 -17.54
C ARG A 37 0.53 -0.31 -17.77
N PHE A 38 0.24 0.98 -17.62
CA PHE A 38 -1.14 1.50 -17.81
C PHE A 38 -1.61 1.24 -19.26
N SER A 39 -0.75 1.48 -20.25
CA SER A 39 -1.04 1.26 -21.70
C SER A 39 -1.36 -0.23 -21.93
N ALA A 40 -0.60 -1.14 -21.32
CA ALA A 40 -0.86 -2.59 -21.40
C ALA A 40 -2.24 -2.91 -20.86
N GLU A 41 -2.73 -2.18 -19.85
CA GLU A 41 -4.03 -2.48 -19.22
C GLU A 41 -5.14 -1.65 -19.85
N GLY A 42 -4.91 -1.08 -21.04
CA GLY A 42 -5.98 -0.49 -21.85
C GLY A 42 -6.12 1.01 -21.69
N ALA A 43 -5.26 1.70 -20.91
CA ALA A 43 -5.35 3.18 -20.76
C ALA A 43 -5.00 3.88 -22.06
N ILE A 44 -5.56 5.07 -22.23
CA ILE A 44 -4.99 6.13 -23.12
C ILE A 44 -4.03 6.97 -22.26
N VAL A 45 -2.76 7.03 -22.61
CA VAL A 45 -1.71 7.64 -21.76
C VAL A 45 -1.29 8.96 -22.38
N VAL A 46 -1.33 10.01 -21.58
CA VAL A 46 -0.69 11.30 -21.89
C VAL A 46 0.66 11.34 -21.20
N LEU A 47 1.72 11.45 -21.98
CA LEU A 47 3.13 11.40 -21.52
C LEU A 47 3.70 12.79 -21.51
N ALA A 48 3.80 13.42 -20.32
CA ALA A 48 4.31 14.78 -20.12
C ALA A 48 5.77 14.68 -19.68
N ASP A 49 6.66 15.37 -20.39
CA ASP A 49 8.09 15.41 -20.00
C ASP A 49 8.77 16.59 -20.70
N TRP A 50 9.85 17.07 -20.11
CA TRP A 50 10.68 18.16 -20.69
C TRP A 50 11.81 17.57 -21.53
N ALA A 51 12.01 16.24 -21.51
CA ALA A 51 12.98 15.52 -22.37
C ALA A 51 12.24 15.10 -23.64
N LYS A 52 12.26 15.96 -24.66
CA LYS A 52 11.39 15.85 -25.86
C LYS A 52 11.65 14.53 -26.60
N GLU A 53 12.91 14.25 -26.96
CA GLU A 53 13.29 13.02 -27.73
C GLU A 53 12.81 11.79 -26.97
N ALA A 54 13.07 11.75 -25.66
CA ALA A 54 12.84 10.53 -24.84
C ALA A 54 11.34 10.27 -24.78
N VAL A 55 10.51 11.28 -24.51
CA VAL A 55 9.06 11.05 -24.28
C VAL A 55 8.38 10.77 -25.63
N ASP A 56 8.85 11.39 -26.71
CA ASP A 56 8.36 11.09 -28.08
C ASP A 56 8.61 9.61 -28.40
N LYS A 57 9.81 9.10 -28.14
CA LYS A 57 10.18 7.68 -28.37
C LYS A 57 9.26 6.76 -27.56
N VAL A 58 8.99 7.08 -26.30
CA VAL A 58 8.11 6.21 -25.49
C VAL A 58 6.70 6.25 -26.09
N ALA A 59 6.21 7.43 -26.45
CA ALA A 59 4.81 7.57 -26.92
C ALA A 59 4.66 6.79 -28.25
N ALA A 60 5.68 6.85 -29.08
CA ALA A 60 5.65 6.23 -30.44
C ALA A 60 5.72 4.70 -30.30
N SER A 61 6.18 4.18 -29.15
CA SER A 61 6.36 2.73 -28.89
C SER A 61 5.02 2.11 -28.49
N LEU A 62 4.02 2.92 -28.16
CA LEU A 62 2.74 2.43 -27.61
C LEU A 62 1.71 2.40 -28.72
N PRO A 63 0.55 1.73 -28.53
CA PRO A 63 -0.47 1.58 -29.57
C PRO A 63 -0.99 2.90 -30.17
N LYS A 64 -1.10 2.92 -31.50
CA LYS A 64 -1.49 4.14 -32.26
C LYS A 64 -2.84 4.63 -31.73
N GLY A 65 -2.99 5.93 -31.57
CA GLY A 65 -4.23 6.52 -31.03
C GLY A 65 -4.42 6.35 -29.53
N ARG A 66 -3.48 5.73 -28.81
N ARG A 66 -3.46 5.75 -28.82
CA ARG A 66 -3.68 5.46 -27.35
CA ARG A 66 -3.62 5.40 -27.38
C ARG A 66 -2.53 6.06 -26.52
C ARG A 66 -2.54 6.07 -26.52
N ALA A 67 -1.74 6.97 -27.11
CA ALA A 67 -0.59 7.61 -26.46
C ALA A 67 -0.27 8.93 -27.15
N MET A 68 -0.13 10.00 -26.36
CA MET A 68 0.31 11.32 -26.85
C MET A 68 1.35 11.89 -25.88
N ALA A 69 2.41 12.48 -26.42
CA ALA A 69 3.48 13.17 -25.69
C ALA A 69 3.14 14.66 -25.59
N VAL A 70 3.39 15.23 -24.44
CA VAL A 70 3.36 16.71 -24.24
C VAL A 70 4.77 17.11 -23.79
N HIS A 71 5.39 18.02 -24.52
N HIS A 71 5.42 18.07 -24.45
CA HIS A 71 6.66 18.67 -24.16
CA HIS A 71 6.79 18.58 -24.13
C HIS A 71 6.28 19.79 -23.16
C HIS A 71 6.68 19.81 -23.21
N ILE A 72 6.61 19.57 -21.89
CA ILE A 72 6.26 20.54 -20.79
C ILE A 72 7.28 20.45 -19.64
N ASP A 73 7.53 21.61 -19.03
CA ASP A 73 8.21 21.81 -17.73
C ASP A 73 7.10 21.94 -16.68
N VAL A 74 6.89 20.91 -15.88
CA VAL A 74 5.74 20.91 -14.94
C VAL A 74 5.92 21.96 -13.84
N SER A 75 7.09 22.59 -13.73
CA SER A 75 7.32 23.70 -12.75
C SER A 75 6.54 24.97 -13.17
N ASP A 76 6.00 24.99 -14.40
CA ASP A 76 5.42 26.22 -15.03
C ASP A 76 3.90 26.12 -14.96
N HIS A 77 3.25 26.88 -14.06
CA HIS A 77 1.81 26.74 -13.80
C HIS A 77 1.00 27.08 -15.05
N VAL A 78 1.49 28.03 -15.84
CA VAL A 78 0.82 28.51 -17.08
C VAL A 78 0.70 27.31 -18.04
N ALA A 79 1.84 26.70 -18.34
CA ALA A 79 1.95 25.48 -19.19
C ALA A 79 1.12 24.33 -18.62
N VAL A 80 1.16 24.09 -17.29
CA VAL A 80 0.39 22.97 -16.66
C VAL A 80 -1.11 23.19 -16.81
N GLU A 81 -1.61 24.39 -16.55
CA GLU A 81 -3.07 24.67 -16.62
C GLU A 81 -3.55 24.39 -18.06
N LYS A 82 -2.83 24.88 -19.04
CA LYS A 82 -3.10 24.69 -20.50
C LYS A 82 -3.12 23.19 -20.82
N MET A 83 -2.08 22.45 -20.42
CA MET A 83 -2.02 20.99 -20.72
C MET A 83 -3.27 20.30 -20.19
N MET A 84 -3.60 20.49 -18.90
CA MET A 84 -4.69 19.71 -18.27
C MET A 84 -5.98 20.08 -18.99
N ASN A 85 -6.17 21.37 -19.32
CA ASN A 85 -7.43 21.79 -19.98
C ASN A 85 -7.48 21.25 -21.42
N GLU A 86 -6.37 21.28 -22.17
CA GLU A 86 -6.29 20.79 -23.57
C GLU A 86 -6.51 19.27 -23.63
N VAL A 87 -5.85 18.53 -22.73
CA VAL A 87 -6.05 17.07 -22.59
C VAL A 87 -7.51 16.78 -22.33
N ALA A 88 -8.11 17.48 -21.39
CA ALA A 88 -9.53 17.22 -21.04
C ALA A 88 -10.42 17.50 -22.27
N GLU A 89 -10.13 18.59 -22.97
CA GLU A 89 -10.95 19.02 -24.15
C GLU A 89 -10.82 17.95 -25.24
N LYS A 90 -9.59 17.63 -25.60
CA LYS A 90 -9.23 16.68 -26.67
C LYS A 90 -9.76 15.26 -26.38
N LEU A 91 -9.54 14.71 -25.17
CA LEU A 91 -9.86 13.29 -24.88
C LEU A 91 -11.16 13.21 -24.11
N GLY A 92 -11.74 14.35 -23.69
CA GLY A 92 -13.05 14.42 -23.03
C GLY A 92 -13.00 14.10 -21.54
N ARG A 93 -11.84 13.69 -21.01
CA ARG A 93 -11.75 13.29 -19.59
C ARG A 93 -10.30 13.17 -19.13
N ILE A 94 -10.13 13.18 -17.80
CA ILE A 94 -8.89 12.74 -17.07
C ILE A 94 -9.36 11.85 -15.92
N ASP A 95 -8.78 10.65 -15.83
CA ASP A 95 -9.15 9.62 -14.83
C ASP A 95 -8.07 9.47 -13.76
N VAL A 96 -6.80 9.57 -14.16
CA VAL A 96 -5.61 9.32 -13.29
C VAL A 96 -4.55 10.37 -13.57
N LEU A 97 -3.93 10.91 -12.52
CA LEU A 97 -2.74 11.75 -12.62
C LEU A 97 -1.62 11.08 -11.84
N LEU A 98 -0.51 10.80 -12.51
CA LEU A 98 0.75 10.38 -11.85
C LEU A 98 1.67 11.60 -11.82
N ASN A 99 1.80 12.21 -10.64
CA ASN A 99 2.79 13.28 -10.40
C ASN A 99 4.16 12.64 -10.14
N ASN A 100 4.88 12.32 -11.21
CA ASN A 100 6.07 11.46 -11.13
C ASN A 100 7.33 12.26 -11.44
N ALA A 101 7.25 13.32 -12.25
CA ALA A 101 8.41 14.11 -12.69
C ALA A 101 9.18 14.58 -11.44
N GLY A 102 10.49 14.52 -11.50
CA GLY A 102 11.32 14.84 -10.34
C GLY A 102 12.76 14.98 -10.78
N VAL A 103 13.50 15.77 -10.02
CA VAL A 103 14.97 15.90 -10.13
C VAL A 103 15.59 15.72 -8.76
N HIS A 104 16.88 15.39 -8.74
CA HIS A 104 17.63 15.13 -7.49
C HIS A 104 18.84 16.03 -7.54
N VAL A 105 19.25 16.54 -6.39
N VAL A 105 19.27 16.50 -6.37
CA VAL A 105 20.59 17.13 -6.24
CA VAL A 105 20.57 17.19 -6.19
C VAL A 105 21.12 16.57 -4.92
C VAL A 105 21.15 16.69 -4.88
N ALA A 106 22.42 16.31 -4.87
CA ALA A 106 23.06 15.73 -3.69
C ALA A 106 23.81 16.82 -2.95
N GLY A 107 23.65 16.83 -1.63
CA GLY A 107 24.47 17.62 -0.71
C GLY A 107 23.62 18.18 0.43
N SER A 108 24.30 18.65 1.46
CA SER A 108 23.69 19.45 2.56
C SER A 108 23.33 20.84 2.02
N VAL A 109 22.59 21.62 2.81
CA VAL A 109 22.30 23.04 2.41
C VAL A 109 23.60 23.83 2.23
N LEU A 110 24.68 23.44 2.90
CA LEU A 110 25.95 24.21 2.85
C LEU A 110 26.72 23.86 1.57
N GLU A 111 26.33 22.79 0.89
CA GLU A 111 27.02 22.30 -0.33
C GLU A 111 26.12 22.41 -1.55
N THR A 112 24.94 23.01 -1.44
CA THR A 112 24.00 23.16 -2.56
C THR A 112 23.52 24.60 -2.56
N SER A 113 23.32 25.17 -3.74
CA SER A 113 23.10 26.62 -3.97
C SER A 113 21.61 26.98 -3.86
N ILE A 114 21.33 28.29 -3.82
CA ILE A 114 19.96 28.80 -3.88
C ILE A 114 19.34 28.31 -5.18
N ASP A 115 20.09 28.32 -6.29
CA ASP A 115 19.58 27.91 -7.63
C ASP A 115 19.19 26.42 -7.59
N ASP A 116 20.02 25.59 -6.96
CA ASP A 116 19.74 24.16 -6.72
C ASP A 116 18.40 24.00 -6.01
N TRP A 117 18.20 24.77 -4.94
CA TRP A 117 16.94 24.78 -4.17
C TRP A 117 15.80 25.13 -5.12
N ARG A 118 15.97 26.18 -5.93
CA ARG A 118 14.87 26.66 -6.80
C ARG A 118 14.46 25.58 -7.81
N ARG A 119 15.45 24.88 -8.35
N ARG A 119 15.45 24.88 -8.37
CA ARG A 119 15.24 23.80 -9.34
CA ARG A 119 15.25 23.78 -9.36
C ARG A 119 14.50 22.64 -8.65
C ARG A 119 14.52 22.62 -8.65
N ILE A 120 14.98 22.20 -7.48
CA ILE A 120 14.33 21.11 -6.70
C ILE A 120 12.89 21.53 -6.34
N ALA A 121 12.70 22.67 -5.71
CA ALA A 121 11.37 23.12 -5.28
C ALA A 121 10.46 23.26 -6.51
N GLY A 122 10.95 23.89 -7.58
CA GLY A 122 10.15 24.09 -8.79
C GLY A 122 9.57 22.80 -9.35
N VAL A 123 10.38 21.78 -9.56
CA VAL A 123 9.90 20.51 -10.16
C VAL A 123 9.18 19.66 -9.10
N ASP A 124 9.87 19.36 -8.00
CA ASP A 124 9.46 18.33 -7.02
C ASP A 124 8.29 18.82 -6.15
N ILE A 125 8.14 20.14 -5.88
CA ILE A 125 7.02 20.62 -5.04
C ILE A 125 6.01 21.28 -5.96
N ASP A 126 6.45 22.31 -6.66
CA ASP A 126 5.49 23.14 -7.43
C ASP A 126 4.82 22.27 -8.50
N GLY A 127 5.59 21.45 -9.23
CA GLY A 127 5.04 20.55 -10.27
C GLY A 127 3.88 19.74 -9.74
N VAL A 128 4.06 19.16 -8.56
CA VAL A 128 3.00 18.34 -7.93
C VAL A 128 1.83 19.25 -7.58
N VAL A 129 2.11 20.39 -6.95
CA VAL A 129 0.98 21.26 -6.53
C VAL A 129 0.16 21.65 -7.76
N PHE A 130 0.86 22.13 -8.78
CA PHE A 130 0.24 22.73 -10.00
C PHE A 130 -0.53 21.63 -10.74
N CYS A 131 0.11 20.48 -10.98
CA CYS A 131 -0.52 19.41 -11.76
C CYS A 131 -1.77 18.94 -11.02
N SER A 132 -1.68 18.76 -9.71
CA SER A 132 -2.85 18.37 -8.89
C SER A 132 -3.93 19.43 -9.03
N LYS A 133 -3.55 20.68 -8.91
CA LYS A 133 -4.54 21.78 -8.79
C LYS A 133 -5.31 21.83 -10.13
N PHE A 134 -4.63 21.77 -11.26
CA PHE A 134 -5.29 21.94 -12.58
C PHE A 134 -5.90 20.65 -13.10
N ALA A 135 -5.50 19.46 -12.61
CA ALA A 135 -6.16 18.19 -13.01
C ALA A 135 -7.45 17.99 -12.22
N LEU A 136 -7.53 18.56 -11.01
CA LEU A 136 -8.59 18.19 -10.06
C LEU A 136 -9.99 18.41 -10.60
N PRO A 137 -10.33 19.56 -11.23
CA PRO A 137 -11.71 19.78 -11.70
C PRO A 137 -12.15 18.63 -12.62
N HIS A 138 -11.23 18.15 -13.43
CA HIS A 138 -11.44 17.05 -14.41
C HIS A 138 -11.56 15.68 -13.71
N LEU A 139 -10.67 15.38 -12.76
CA LEU A 139 -10.75 14.14 -11.92
C LEU A 139 -12.06 14.14 -11.11
N LEU A 140 -12.57 15.30 -10.68
CA LEU A 140 -13.82 15.28 -9.88
C LEU A 140 -14.96 14.75 -10.75
N LYS A 141 -14.90 15.05 -12.05
CA LYS A 141 -15.96 14.66 -13.03
C LYS A 141 -15.93 13.14 -13.23
N THR A 142 -14.76 12.51 -13.16
CA THR A 142 -14.61 11.06 -13.40
C THR A 142 -14.50 10.27 -12.08
N LYS A 143 -14.52 10.92 -10.91
CA LYS A 143 -14.14 10.26 -9.63
C LYS A 143 -12.81 9.50 -9.85
N GLY A 144 -11.87 10.19 -10.48
CA GLY A 144 -10.49 9.75 -10.76
C GLY A 144 -9.61 9.77 -9.52
N CYS A 145 -8.29 9.64 -9.69
CA CYS A 145 -7.39 9.59 -8.50
C CYS A 145 -6.05 10.23 -8.85
N ILE A 146 -5.30 10.56 -7.80
CA ILE A 146 -3.92 11.04 -7.93
C ILE A 146 -3.00 9.99 -7.28
N VAL A 147 -1.90 9.72 -7.94
CA VAL A 147 -0.76 9.00 -7.32
C VAL A 147 0.46 9.89 -7.47
N ASN A 148 1.00 10.36 -6.35
CA ASN A 148 2.26 11.14 -6.31
C ASN A 148 3.44 10.19 -6.22
N THR A 149 4.53 10.44 -6.96
CA THR A 149 5.83 9.81 -6.65
C THR A 149 6.52 10.64 -5.58
N ALA A 150 6.42 10.24 -4.33
CA ALA A 150 7.21 10.87 -3.26
C ALA A 150 8.53 10.09 -3.21
N SER A 151 8.92 9.61 -2.05
CA SER A 151 10.22 8.94 -1.86
C SER A 151 10.29 8.49 -0.43
N GLN A 152 11.10 7.47 -0.17
CA GLN A 152 11.61 7.25 1.20
C GLN A 152 12.11 8.57 1.77
N SER A 153 12.77 9.41 0.95
CA SER A 153 13.33 10.71 1.38
C SER A 153 12.23 11.77 1.68
N GLY A 154 10.95 11.47 1.54
CA GLY A 154 9.86 12.32 2.04
C GLY A 154 9.31 11.83 3.36
N LEU A 155 9.58 10.57 3.70
CA LEU A 155 9.10 9.98 4.96
C LEU A 155 10.14 10.15 6.07
N GLY A 156 11.40 10.40 5.72
CA GLY A 156 12.47 10.65 6.66
C GLY A 156 13.57 11.42 5.96
N GLY A 157 14.60 11.73 6.71
CA GLY A 157 15.76 12.51 6.26
C GLY A 157 16.85 11.65 5.63
N ASP A 158 17.62 12.24 4.74
CA ASP A 158 18.89 11.70 4.21
C ASP A 158 20.06 12.49 4.79
N TRP A 159 21.21 11.83 4.89
CA TRP A 159 22.51 12.55 4.90
C TRP A 159 22.78 12.96 3.45
N GLY A 160 22.92 14.26 3.19
CA GLY A 160 23.36 14.80 1.88
C GLY A 160 22.28 14.84 0.81
N ALA A 161 21.03 15.14 1.16
CA ALA A 161 20.03 15.52 0.13
C ALA A 161 18.99 16.47 0.75
N ALA A 162 19.46 17.55 1.35
CA ALA A 162 18.59 18.36 2.26
C ALA A 162 17.40 18.94 1.50
N TYR A 163 17.66 19.55 0.34
CA TYR A 163 16.61 20.23 -0.44
C TYR A 163 15.62 19.18 -0.94
N TYR A 164 16.14 18.06 -1.47
CA TYR A 164 15.31 16.92 -1.95
C TYR A 164 14.38 16.43 -0.82
N CYS A 165 14.91 16.28 0.39
CA CYS A 165 14.11 15.81 1.56
C CYS A 165 13.00 16.84 1.89
N ALA A 166 13.30 18.12 1.82
CA ALA A 166 12.27 19.17 2.05
C ALA A 166 11.15 18.99 1.02
N ALA A 167 11.52 18.87 -0.26
CA ALA A 167 10.56 18.74 -1.36
C ALA A 167 9.71 17.48 -1.17
N LYS A 168 10.36 16.31 -0.97
CA LYS A 168 9.59 15.07 -0.89
C LYS A 168 8.76 15.08 0.40
N GLY A 169 9.27 15.73 1.45
CA GLY A 169 8.48 15.91 2.68
C GLY A 169 7.20 16.67 2.40
N ALA A 170 7.28 17.69 1.55
CA ALA A 170 6.10 18.49 1.18
C ALA A 170 5.12 17.59 0.43
N VAL A 171 5.63 16.77 -0.48
CA VAL A 171 4.77 15.86 -1.30
C VAL A 171 4.00 14.89 -0.40
N VAL A 172 4.69 14.25 0.55
CA VAL A 172 4.05 13.32 1.51
C VAL A 172 2.90 13.97 2.25
N ASN A 173 3.07 15.16 2.78
CA ASN A 173 2.01 15.77 3.60
C ASN A 173 0.96 16.47 2.70
N LEU A 174 1.33 17.04 1.56
CA LEU A 174 0.31 17.49 0.57
C LEU A 174 -0.62 16.32 0.21
N THR A 175 -0.07 15.11 0.00
CA THR A 175 -0.87 13.89 -0.30
C THR A 175 -1.95 13.75 0.76
N ARG A 176 -1.56 13.86 2.03
CA ARG A 176 -2.51 13.62 3.15
C ARG A 176 -3.58 14.72 3.12
N ALA A 177 -3.17 15.97 3.03
CA ALA A 177 -4.13 17.12 3.13
C ALA A 177 -5.14 17.05 1.98
N MET A 178 -4.66 16.89 0.76
CA MET A 178 -5.52 16.83 -0.44
C MET A 178 -6.43 15.61 -0.38
N ALA A 179 -5.96 14.48 0.19
CA ALA A 179 -6.80 13.30 0.37
C ALA A 179 -7.98 13.67 1.29
N LEU A 180 -7.75 14.47 2.32
CA LEU A 180 -8.85 14.86 3.24
C LEU A 180 -9.78 15.81 2.47
N ASP A 181 -9.23 16.75 1.69
CA ASP A 181 -10.05 17.78 1.00
C ASP A 181 -10.97 17.11 -0.02
N HIS A 182 -10.47 16.13 -0.80
CA HIS A 182 -11.16 15.72 -2.04
C HIS A 182 -11.68 14.29 -2.00
N GLY A 183 -11.24 13.47 -1.04
CA GLY A 183 -11.64 12.08 -0.94
C GLY A 183 -13.15 11.95 -0.90
N GLY A 184 -13.79 12.83 -0.13
CA GLY A 184 -15.25 12.85 0.06
C GLY A 184 -16.00 13.16 -1.24
N ASP A 185 -15.36 13.84 -2.17
CA ASP A 185 -15.92 14.21 -3.49
C ASP A 185 -15.53 13.14 -4.52
N GLY A 186 -15.00 11.99 -4.06
CA GLY A 186 -14.74 10.80 -4.90
C GLY A 186 -13.37 10.82 -5.56
N VAL A 187 -12.44 11.65 -5.11
CA VAL A 187 -11.08 11.67 -5.70
C VAL A 187 -10.05 11.22 -4.64
N ARG A 188 -9.58 9.99 -4.80
CA ARG A 188 -8.53 9.39 -3.90
C ARG A 188 -7.17 10.02 -4.25
N ILE A 189 -6.35 10.29 -3.23
CA ILE A 189 -5.01 10.84 -3.49
C ILE A 189 -4.05 10.11 -2.56
N ASN A 190 -3.03 9.53 -3.16
CA ASN A 190 -2.07 8.68 -2.43
C ASN A 190 -0.71 8.91 -3.04
N SER A 191 0.32 8.35 -2.41
CA SER A 191 1.67 8.36 -2.98
C SER A 191 2.31 6.99 -2.94
N VAL A 192 3.34 6.83 -3.77
CA VAL A 192 4.35 5.74 -3.60
C VAL A 192 5.64 6.38 -3.12
N CYS A 193 6.34 5.68 -2.24
CA CYS A 193 7.58 6.16 -1.59
C CYS A 193 8.66 5.11 -1.82
N PRO A 194 9.33 5.12 -2.98
CA PRO A 194 10.40 4.16 -3.22
C PRO A 194 11.67 4.48 -2.45
N SER A 195 12.46 3.43 -2.24
CA SER A 195 13.88 3.57 -1.88
C SER A 195 14.59 3.57 -3.24
N LEU A 196 15.79 3.03 -3.28
CA LEU A 196 16.61 3.07 -4.52
C LEU A 196 15.91 2.31 -5.63
N VAL A 197 15.83 2.93 -6.80
CA VAL A 197 15.27 2.36 -8.03
C VAL A 197 16.31 2.48 -9.14
N LYS A 198 16.36 1.49 -10.01
CA LYS A 198 17.33 1.51 -11.14
C LYS A 198 16.89 2.44 -12.28
N THR A 199 17.22 3.71 -12.18
CA THR A 199 16.80 4.77 -13.14
C THR A 199 17.98 5.71 -13.39
N ASN A 200 17.82 6.58 -14.39
CA ASN A 200 18.70 7.73 -14.67
C ASN A 200 18.98 8.56 -13.41
N MET A 201 18.04 8.65 -12.48
CA MET A 201 18.22 9.52 -11.29
C MET A 201 19.43 9.08 -10.45
N THR A 202 19.72 7.78 -10.39
CA THR A 202 20.69 7.16 -9.47
C THR A 202 21.80 6.43 -10.22
N ASN A 203 21.80 6.41 -11.55
CA ASN A 203 22.79 5.60 -12.33
C ASN A 203 24.19 6.21 -12.22
N GLY A 204 24.32 7.43 -11.73
CA GLY A 204 25.62 8.10 -11.47
C GLY A 204 26.12 7.92 -10.05
N TRP A 205 25.32 7.34 -9.16
CA TRP A 205 25.74 7.16 -7.75
C TRP A 205 26.73 6.02 -7.67
N PRO A 206 27.81 6.19 -6.90
CA PRO A 206 28.87 5.20 -6.83
C PRO A 206 28.48 3.87 -6.17
N GLN A 207 29.23 2.82 -6.51
N GLN A 207 29.22 2.83 -6.51
CA GLN A 207 29.04 1.44 -6.01
CA GLN A 207 29.02 1.45 -6.00
C GLN A 207 29.06 1.46 -4.48
C GLN A 207 29.04 1.46 -4.47
N GLU A 208 29.93 2.25 -3.86
CA GLU A 208 30.05 2.32 -2.37
C GLU A 208 28.66 2.63 -1.76
N ILE A 209 27.94 3.58 -2.34
CA ILE A 209 26.62 4.03 -1.84
C ILE A 209 25.53 3.02 -2.21
N ARG A 210 25.59 2.50 -3.44
CA ARG A 210 24.59 1.54 -3.96
C ARG A 210 24.66 0.23 -3.18
N ASP A 211 25.86 -0.24 -2.85
CA ASP A 211 26.08 -1.48 -2.08
C ASP A 211 25.50 -1.30 -0.67
N LYS A 212 25.68 -0.14 -0.07
CA LYS A 212 25.10 0.10 1.28
C LYS A 212 23.55 0.13 1.23
N PHE A 213 22.96 0.57 0.11
CA PHE A 213 21.50 0.44 -0.06
C PHE A 213 21.10 -1.03 -0.02
N ASN A 214 21.92 -1.93 -0.56
CA ASN A 214 21.60 -3.38 -0.48
C ASN A 214 21.60 -3.81 0.99
N GLU A 215 22.42 -3.19 1.85
CA GLU A 215 22.44 -3.55 3.31
C GLU A 215 21.21 -2.96 4.00
N ARG A 216 20.83 -1.74 3.63
CA ARG A 216 19.72 -1.01 4.31
C ARG A 216 18.34 -1.42 3.80
N ILE A 217 18.25 -2.01 2.62
CA ILE A 217 17.01 -2.58 2.05
C ILE A 217 17.00 -4.08 2.35
N ALA A 218 16.00 -4.55 3.11
CA ALA A 218 15.99 -5.95 3.59
C ALA A 218 15.90 -6.90 2.38
N LEU A 219 15.28 -6.48 1.28
CA LEU A 219 15.23 -7.36 0.07
C LEU A 219 16.61 -7.47 -0.60
N GLY A 220 17.57 -6.62 -0.31
CA GLY A 220 18.97 -6.89 -0.68
C GLY A 220 19.32 -6.42 -2.07
N ARG A 221 18.50 -5.56 -2.67
CA ARG A 221 18.64 -5.13 -4.08
C ARG A 221 17.91 -3.81 -4.28
N ALA A 222 18.27 -3.06 -5.31
CA ALA A 222 17.49 -1.88 -5.76
C ALA A 222 16.24 -2.40 -6.45
N ALA A 223 15.16 -1.63 -6.47
CA ALA A 223 13.93 -1.99 -7.16
C ALA A 223 14.13 -1.79 -8.66
N GLU A 224 13.45 -2.61 -9.44
CA GLU A 224 13.14 -2.33 -10.86
C GLU A 224 12.08 -1.24 -10.92
N PRO A 225 12.16 -0.34 -11.91
CA PRO A 225 11.09 0.65 -12.09
C PRO A 225 9.69 0.06 -12.26
N GLU A 226 9.59 -1.14 -12.84
CA GLU A 226 8.32 -1.86 -13.03
C GLU A 226 7.71 -2.23 -11.68
N GLU A 227 8.53 -2.42 -10.65
CA GLU A 227 7.98 -2.83 -9.32
C GLU A 227 7.28 -1.64 -8.65
N VAL A 228 7.64 -0.42 -9.01
CA VAL A 228 6.97 0.78 -8.47
C VAL A 228 5.76 1.07 -9.34
N ALA A 229 5.88 0.94 -10.66
CA ALA A 229 4.74 1.12 -11.61
C ALA A 229 3.60 0.19 -11.22
N ALA A 230 3.92 -1.02 -10.73
CA ALA A 230 2.94 -2.04 -10.31
C ALA A 230 2.07 -1.45 -9.19
N VAL A 231 2.70 -0.70 -8.28
CA VAL A 231 2.00 -0.15 -7.10
C VAL A 231 1.19 1.08 -7.54
N MET A 232 1.72 1.90 -8.45
CA MET A 232 0.96 3.04 -9.03
C MET A 232 -0.32 2.50 -9.66
N ALA A 233 -0.23 1.40 -10.41
CA ALA A 233 -1.41 0.81 -11.08
C ALA A 233 -2.37 0.34 -10.01
N PHE A 234 -1.89 -0.40 -9.01
CA PHE A 234 -2.74 -0.84 -7.88
C PHE A 234 -3.48 0.36 -7.26
N LEU A 235 -2.78 1.43 -6.91
CA LEU A 235 -3.40 2.59 -6.22
C LEU A 235 -4.45 3.29 -7.10
N ALA A 236 -4.38 3.17 -8.42
CA ALA A 236 -5.35 3.79 -9.34
C ALA A 236 -6.52 2.82 -9.59
N SER A 237 -6.45 1.60 -9.06
CA SER A 237 -7.39 0.49 -9.35
C SER A 237 -8.53 0.50 -8.34
N ASP A 238 -9.61 -0.21 -8.65
CA ASP A 238 -10.79 -0.36 -7.78
C ASP A 238 -10.44 -1.12 -6.52
N ASP A 239 -9.39 -1.95 -6.54
CA ASP A 239 -8.97 -2.73 -5.35
C ASP A 239 -8.42 -1.80 -4.28
N ALA A 240 -8.08 -0.57 -4.66
CA ALA A 240 -7.58 0.44 -3.72
C ALA A 240 -8.70 1.42 -3.34
N SER A 241 -9.97 1.04 -3.49
CA SER A 241 -11.14 1.93 -3.32
C SER A 241 -11.22 2.51 -1.89
N PHE A 242 -10.63 1.88 -0.88
CA PHE A 242 -10.62 2.44 0.49
C PHE A 242 -9.23 2.86 0.96
N ILE A 243 -8.29 3.00 0.03
CA ILE A 243 -6.95 3.59 0.35
C ILE A 243 -6.94 5.04 -0.10
N ASN A 244 -6.75 5.97 0.84
CA ASN A 244 -6.77 7.42 0.58
C ASN A 244 -5.83 8.08 1.59
N GLY A 245 -5.05 9.02 1.11
CA GLY A 245 -4.11 9.82 1.90
C GLY A 245 -2.92 8.97 2.35
N ALA A 246 -2.71 7.80 1.74
CA ALA A 246 -1.62 6.87 2.14
C ALA A 246 -0.34 7.21 1.39
N ASN A 247 0.78 7.15 2.09
CA ASN A 247 2.11 7.27 1.48
C ASN A 247 2.69 5.85 1.50
N ILE A 248 2.51 5.11 0.43
CA ILE A 248 2.84 3.66 0.44
C ILE A 248 4.35 3.49 0.26
N PRO A 249 5.07 2.88 1.22
CA PRO A 249 6.49 2.57 1.01
C PRO A 249 6.62 1.44 -0.01
N VAL A 250 7.44 1.65 -1.03
CA VAL A 250 7.82 0.60 -2.01
C VAL A 250 9.34 0.48 -1.95
N ASP A 251 9.83 -0.04 -0.83
CA ASP A 251 11.20 0.25 -0.36
C ASP A 251 11.86 -1.04 0.17
N GLY A 252 11.23 -2.18 0.03
CA GLY A 252 11.87 -3.46 0.39
C GLY A 252 12.10 -3.57 1.88
N GLY A 253 11.52 -2.66 2.67
CA GLY A 253 11.68 -2.57 4.12
C GLY A 253 12.46 -1.36 4.61
N ALA A 254 13.01 -0.49 3.73
CA ALA A 254 13.95 0.57 4.16
C ALA A 254 13.35 1.38 5.31
N THR A 255 12.12 1.92 5.15
CA THR A 255 11.52 2.84 6.15
C THR A 255 10.95 2.02 7.33
N ALA A 256 10.86 0.69 7.22
CA ALA A 256 10.38 -0.17 8.34
C ALA A 256 11.44 -0.21 9.44
N SER A 257 12.70 0.07 9.08
CA SER A 257 13.84 0.10 10.02
C SER A 257 13.71 1.32 10.95
N ASP A 258 14.05 1.13 12.23
CA ASP A 258 14.22 2.26 13.19
C ASP A 258 15.56 3.00 12.99
N GLY A 259 16.33 2.69 11.95
CA GLY A 259 17.61 3.41 11.78
C GLY A 259 18.82 2.64 12.29
N ALA A 260 18.62 1.71 13.23
CA ALA A 260 19.70 0.90 13.81
C ALA A 260 20.35 0.06 12.74
N PRO A 261 21.65 -0.24 12.91
CA PRO A 261 22.26 -1.28 12.10
C PRO A 261 21.71 -2.62 12.62
N LYS A 262 21.97 -3.69 11.90
CA LYS A 262 21.58 -5.05 12.32
C LYS A 262 22.07 -5.38 13.72
N ILE A 263 21.19 -5.93 14.55
CA ILE A 263 21.51 -6.19 15.99
C ILE A 263 22.40 -7.45 16.08
N VAL A 264 22.16 -8.43 15.21
CA VAL A 264 23.02 -9.66 15.07
C VAL A 264 23.35 -9.84 13.58
N TYR B 11 -9.00 -10.48 -15.27
CA TYR B 11 -7.60 -9.99 -15.31
C TYR B 11 -6.81 -10.43 -14.08
N PHE B 12 -7.51 -10.85 -13.00
CA PHE B 12 -6.95 -11.48 -11.78
C PHE B 12 -7.16 -13.00 -11.78
N GLN B 13 -7.84 -13.52 -12.80
CA GLN B 13 -8.06 -14.98 -12.91
C GLN B 13 -6.70 -15.66 -12.77
N GLY B 14 -6.60 -16.60 -11.83
CA GLY B 14 -5.43 -17.49 -11.69
C GLY B 14 -4.30 -16.87 -10.88
N ARG B 15 -4.44 -15.64 -10.36
CA ARG B 15 -3.31 -14.96 -9.68
C ARG B 15 -2.71 -15.81 -8.53
N PHE B 16 -3.51 -16.58 -7.79
CA PHE B 16 -3.08 -17.46 -6.65
C PHE B 16 -3.31 -18.95 -6.97
N ASP B 17 -3.23 -19.33 -8.25
CA ASP B 17 -3.52 -20.71 -8.69
C ASP B 17 -2.69 -21.71 -7.89
N ASN B 18 -3.36 -22.60 -7.17
CA ASN B 18 -2.77 -23.72 -6.40
C ASN B 18 -1.89 -23.24 -5.25
N LYS B 19 -1.95 -21.96 -4.91
CA LYS B 19 -1.24 -21.48 -3.70
C LYS B 19 -2.06 -21.81 -2.46
N VAL B 20 -1.39 -22.20 -1.38
CA VAL B 20 -2.03 -22.53 -0.08
C VAL B 20 -2.01 -21.27 0.79
N VAL B 21 -3.22 -20.78 1.11
CA VAL B 21 -3.45 -19.60 1.97
C VAL B 21 -4.10 -20.07 3.28
N VAL B 22 -3.35 -19.93 4.38
CA VAL B 22 -3.86 -20.12 5.76
C VAL B 22 -4.38 -18.79 6.28
N ILE B 23 -5.65 -18.79 6.68
CA ILE B 23 -6.34 -17.57 7.14
C ILE B 23 -6.74 -17.83 8.59
N THR B 24 -6.21 -17.08 9.55
CA THR B 24 -6.71 -17.20 10.95
C THR B 24 -7.83 -16.19 11.08
N GLY B 25 -8.69 -16.32 12.11
CA GLY B 25 -9.92 -15.50 12.21
C GLY B 25 -10.72 -15.57 10.91
N ALA B 26 -10.75 -16.74 10.28
CA ALA B 26 -11.39 -16.96 8.96
C ALA B 26 -12.92 -16.78 9.07
N GLY B 27 -13.49 -16.86 10.27
CA GLY B 27 -14.95 -16.73 10.48
C GLY B 27 -15.42 -15.29 10.56
N ASN B 28 -14.52 -14.34 10.76
CA ASN B 28 -14.92 -12.93 10.91
C ASN B 28 -15.12 -12.35 9.51
N GLY B 29 -15.58 -11.11 9.44
CA GLY B 29 -16.04 -10.53 8.16
C GLY B 29 -14.88 -10.37 7.19
N MET B 30 -13.73 -9.89 7.67
CA MET B 30 -12.54 -9.77 6.80
C MET B 30 -12.06 -11.16 6.43
N GLY B 31 -12.15 -12.11 7.34
CA GLY B 31 -11.66 -13.48 7.09
C GLY B 31 -12.45 -14.15 5.98
N GLU B 32 -13.77 -14.04 6.02
CA GLU B 32 -14.64 -14.60 4.99
C GLU B 32 -14.38 -13.89 3.65
N ALA B 33 -14.28 -12.55 3.64
CA ALA B 33 -14.04 -11.79 2.41
C ALA B 33 -12.66 -12.21 1.84
N ALA B 34 -11.63 -12.38 2.69
CA ALA B 34 -10.33 -12.90 2.23
C ALA B 34 -10.45 -14.30 1.60
N ALA B 35 -11.10 -15.22 2.29
CA ALA B 35 -11.27 -16.62 1.81
C ALA B 35 -11.85 -16.57 0.41
N ARG B 36 -12.87 -15.74 0.20
CA ARG B 36 -13.64 -15.72 -1.07
C ARG B 36 -12.74 -15.08 -2.15
N ARG B 37 -12.05 -14.00 -1.83
CA ARG B 37 -11.18 -13.28 -2.81
C ARG B 37 -10.05 -14.20 -3.26
N PHE B 38 -9.30 -14.80 -2.33
CA PHE B 38 -8.17 -15.70 -2.67
C PHE B 38 -8.69 -16.93 -3.40
N SER B 39 -9.84 -17.46 -2.97
CA SER B 39 -10.48 -18.64 -3.63
C SER B 39 -10.81 -18.30 -5.08
N ALA B 40 -11.45 -17.17 -5.33
CA ALA B 40 -11.81 -16.72 -6.70
C ALA B 40 -10.55 -16.63 -7.56
N GLU B 41 -9.37 -16.39 -7.00
CA GLU B 41 -8.11 -16.25 -7.79
C GLU B 41 -7.33 -17.56 -7.76
N GLY B 42 -7.96 -18.67 -7.38
CA GLY B 42 -7.39 -20.02 -7.56
C GLY B 42 -6.72 -20.61 -6.34
N ALA B 43 -6.75 -19.92 -5.19
CA ALA B 43 -6.01 -20.42 -4.02
C ALA B 43 -6.73 -21.63 -3.42
N ILE B 44 -5.97 -22.48 -2.73
N ILE B 44 -5.96 -22.50 -2.76
CA ILE B 44 -6.52 -23.45 -1.74
CA ILE B 44 -6.47 -23.48 -1.76
C ILE B 44 -6.49 -22.77 -0.37
C ILE B 44 -6.49 -22.76 -0.41
N VAL B 45 -7.66 -22.61 0.27
N VAL B 45 -7.65 -22.58 0.20
CA VAL B 45 -7.79 -21.73 1.47
CA VAL B 45 -7.79 -21.80 1.46
C VAL B 45 -8.05 -22.59 2.71
C VAL B 45 -7.89 -22.77 2.65
N VAL B 46 -7.20 -22.45 3.73
CA VAL B 46 -7.37 -23.11 5.04
C VAL B 46 -8.04 -22.09 5.95
N LEU B 47 -9.28 -22.35 6.37
CA LEU B 47 -10.06 -21.37 7.15
C LEU B 47 -9.96 -21.79 8.61
N ALA B 48 -9.02 -21.16 9.33
CA ALA B 48 -8.68 -21.46 10.74
C ALA B 48 -9.41 -20.47 11.66
N ASP B 49 -10.18 -21.00 12.62
CA ASP B 49 -10.85 -20.14 13.60
C ASP B 49 -11.18 -21.02 14.80
N TRP B 50 -11.52 -20.35 15.88
CA TRP B 50 -12.01 -21.03 17.11
C TRP B 50 -13.35 -21.70 16.80
N ALA B 51 -14.35 -20.94 16.34
CA ALA B 51 -15.74 -21.39 16.15
C ALA B 51 -15.84 -22.25 14.88
N LYS B 52 -16.84 -23.12 14.82
CA LYS B 52 -16.94 -24.10 13.72
C LYS B 52 -17.91 -23.62 12.63
N GLU B 53 -19.07 -23.06 12.99
CA GLU B 53 -20.19 -22.98 12.04
C GLU B 53 -19.82 -22.06 10.88
N ALA B 54 -19.27 -20.89 11.17
CA ALA B 54 -19.00 -19.86 10.13
C ALA B 54 -18.01 -20.42 9.12
N VAL B 55 -16.85 -20.92 9.55
CA VAL B 55 -15.80 -21.42 8.61
C VAL B 55 -16.34 -22.63 7.84
N ASP B 56 -17.15 -23.48 8.45
CA ASP B 56 -17.71 -24.67 7.76
C ASP B 56 -18.60 -24.17 6.62
N LYS B 57 -19.45 -23.19 6.90
CA LYS B 57 -20.42 -22.64 5.91
C LYS B 57 -19.64 -22.01 4.75
N VAL B 58 -18.60 -21.23 5.05
CA VAL B 58 -17.81 -20.57 3.96
C VAL B 58 -17.15 -21.67 3.14
N ALA B 59 -16.45 -22.61 3.78
CA ALA B 59 -15.71 -23.70 3.11
C ALA B 59 -16.65 -24.49 2.17
N ALA B 60 -17.89 -24.72 2.61
CA ALA B 60 -18.80 -25.59 1.84
C ALA B 60 -19.31 -24.84 0.61
N SER B 61 -19.27 -23.51 0.68
CA SER B 61 -19.66 -22.59 -0.42
C SER B 61 -18.53 -22.51 -1.44
N LEU B 62 -17.34 -22.99 -1.14
CA LEU B 62 -16.19 -22.83 -2.07
C LEU B 62 -15.98 -24.14 -2.83
N PRO B 63 -15.17 -24.11 -3.91
CA PRO B 63 -14.94 -25.28 -4.76
C PRO B 63 -14.47 -26.48 -3.97
N LYS B 64 -15.09 -27.62 -4.29
CA LYS B 64 -14.76 -28.92 -3.68
C LYS B 64 -13.26 -29.12 -3.80
N GLY B 65 -12.64 -29.60 -2.73
CA GLY B 65 -11.21 -29.88 -2.64
C GLY B 65 -10.34 -28.63 -2.54
N ARG B 66 -10.91 -27.41 -2.53
CA ARG B 66 -10.10 -26.17 -2.60
C ARG B 66 -10.25 -25.32 -1.32
N ALA B 67 -10.97 -25.80 -0.32
CA ALA B 67 -11.21 -25.10 0.96
C ALA B 67 -11.31 -26.14 2.06
N MET B 68 -10.64 -25.91 3.19
N MET B 68 -10.79 -25.84 3.25
CA MET B 68 -10.77 -26.75 4.42
CA MET B 68 -10.90 -26.76 4.41
C MET B 68 -10.89 -25.80 5.61
C MET B 68 -10.72 -25.97 5.70
N ALA B 69 -11.65 -26.20 6.63
CA ALA B 69 -11.79 -25.48 7.90
C ALA B 69 -11.04 -26.23 9.00
N VAL B 70 -10.43 -25.50 9.91
CA VAL B 70 -9.77 -26.12 11.10
C VAL B 70 -10.19 -25.30 12.32
N HIS B 71 -10.18 -25.97 13.46
CA HIS B 71 -10.31 -25.33 14.78
C HIS B 71 -8.92 -24.94 15.23
N ILE B 72 -8.76 -23.73 15.71
CA ILE B 72 -7.49 -23.34 16.36
C ILE B 72 -7.74 -22.26 17.39
N ASP B 73 -6.98 -22.32 18.47
CA ASP B 73 -6.76 -21.19 19.41
C ASP B 73 -5.38 -20.64 19.07
N VAL B 74 -5.31 -19.50 18.39
CA VAL B 74 -3.99 -18.96 17.90
C VAL B 74 -3.13 -18.54 19.10
N SER B 75 -3.71 -18.42 20.30
CA SER B 75 -3.00 -18.03 21.55
C SER B 75 -2.25 -19.23 22.16
N ASP B 76 -2.48 -20.43 21.63
CA ASP B 76 -1.85 -21.69 22.10
C ASP B 76 -0.71 -22.10 21.15
N HIS B 77 0.54 -21.88 21.57
CA HIS B 77 1.72 -22.10 20.69
C HIS B 77 1.86 -23.58 20.31
N VAL B 78 1.53 -24.49 21.21
CA VAL B 78 1.63 -25.94 20.87
C VAL B 78 0.64 -26.29 19.74
N ALA B 79 -0.62 -25.88 19.88
CA ALA B 79 -1.70 -26.10 18.90
C ALA B 79 -1.30 -25.45 17.57
N VAL B 80 -0.79 -24.22 17.63
CA VAL B 80 -0.42 -23.49 16.39
C VAL B 80 0.70 -24.26 15.66
N GLU B 81 1.71 -24.72 16.39
CA GLU B 81 2.83 -25.40 15.73
C GLU B 81 2.26 -26.63 15.01
N LYS B 82 1.39 -27.37 15.69
CA LYS B 82 0.87 -28.65 15.15
C LYS B 82 -0.02 -28.32 13.93
N MET B 83 -0.85 -27.27 13.99
CA MET B 83 -1.72 -26.86 12.84
C MET B 83 -0.86 -26.59 11.60
N MET B 84 0.18 -25.76 11.73
CA MET B 84 1.00 -25.33 10.58
C MET B 84 1.72 -26.55 9.98
N ASN B 85 2.26 -27.43 10.79
CA ASN B 85 2.98 -28.62 10.27
C ASN B 85 2.00 -29.58 9.57
N GLU B 86 0.78 -29.75 10.11
CA GLU B 86 -0.25 -30.64 9.50
C GLU B 86 -0.74 -30.07 8.18
N VAL B 87 -0.94 -28.76 8.13
CA VAL B 87 -1.36 -28.11 6.86
C VAL B 87 -0.28 -28.34 5.82
N ALA B 88 0.99 -28.11 6.15
CA ALA B 88 2.08 -28.24 5.17
C ALA B 88 2.20 -29.70 4.74
N GLU B 89 1.96 -30.60 5.69
CA GLU B 89 2.04 -32.07 5.47
C GLU B 89 0.92 -32.47 4.51
N LYS B 90 -0.30 -32.04 4.81
CA LYS B 90 -1.53 -32.44 4.08
C LYS B 90 -1.52 -31.81 2.68
N LEU B 91 -1.12 -30.54 2.54
CA LEU B 91 -1.26 -29.82 1.24
C LEU B 91 0.11 -29.69 0.53
N GLY B 92 1.22 -30.03 1.17
CA GLY B 92 2.55 -30.04 0.55
C GLY B 92 3.25 -28.70 0.67
N ARG B 93 2.57 -27.65 1.12
CA ARG B 93 3.11 -26.27 1.06
C ARG B 93 2.22 -25.29 1.83
N ILE B 94 2.82 -24.18 2.28
CA ILE B 94 2.07 -22.94 2.66
C ILE B 94 2.69 -21.79 1.86
N ASP B 95 1.86 -20.96 1.24
CA ASP B 95 2.31 -19.85 0.39
C ASP B 95 1.99 -18.53 1.07
N VAL B 96 0.87 -18.44 1.79
CA VAL B 96 0.42 -17.13 2.34
C VAL B 96 -0.18 -17.38 3.72
N LEU B 97 0.22 -16.59 4.71
CA LEU B 97 -0.41 -16.56 6.05
C LEU B 97 -1.13 -15.21 6.22
N LEU B 98 -2.44 -15.25 6.48
CA LEU B 98 -3.19 -14.05 6.88
C LEU B 98 -3.47 -14.18 8.36
N ASN B 99 -2.78 -13.36 9.15
CA ASN B 99 -2.96 -13.39 10.62
C ASN B 99 -4.11 -12.47 10.92
N ASN B 100 -5.35 -12.97 10.82
CA ASN B 100 -6.56 -12.13 10.80
C ASN B 100 -7.42 -12.38 12.06
N ALA B 101 -7.02 -13.28 12.96
CA ALA B 101 -7.66 -13.43 14.30
C ALA B 101 -7.68 -12.07 14.99
N GLY B 102 -8.68 -11.80 15.82
CA GLY B 102 -8.78 -10.51 16.50
C GLY B 102 -9.77 -10.56 17.64
N VAL B 103 -9.36 -10.07 18.80
CA VAL B 103 -10.25 -9.79 19.96
C VAL B 103 -10.14 -8.31 20.31
N HIS B 104 -11.26 -7.69 20.61
CA HIS B 104 -11.32 -6.31 21.09
C HIS B 104 -12.11 -6.30 22.39
N VAL B 105 -11.69 -5.43 23.30
CA VAL B 105 -12.41 -5.08 24.54
C VAL B 105 -12.32 -3.57 24.69
N ALA B 106 -13.44 -2.90 24.96
CA ALA B 106 -13.50 -1.44 25.16
C ALA B 106 -13.08 -1.10 26.61
N GLY B 107 -12.36 0.02 26.74
CA GLY B 107 -12.09 0.68 28.02
C GLY B 107 -10.67 1.22 28.11
N SER B 108 -10.47 2.19 29.00
CA SER B 108 -9.11 2.57 29.49
C SER B 108 -8.60 1.40 30.32
N VAL B 109 -7.34 1.49 30.76
CA VAL B 109 -6.73 0.47 31.66
C VAL B 109 -7.48 0.47 33.01
N LEU B 110 -8.17 1.55 33.35
CA LEU B 110 -8.92 1.60 34.64
C LEU B 110 -10.30 0.94 34.47
N GLU B 111 -10.72 0.65 33.26
CA GLU B 111 -12.08 0.12 32.95
C GLU B 111 -11.94 -1.34 32.53
N THR B 112 -10.72 -1.82 32.34
CA THR B 112 -10.46 -3.18 31.78
C THR B 112 -9.54 -3.90 32.75
N SER B 113 -9.76 -5.20 32.87
N SER B 113 -9.77 -5.20 32.91
CA SER B 113 -9.17 -6.11 33.88
CA SER B 113 -9.14 -6.08 33.92
C SER B 113 -7.87 -6.73 33.36
C SER B 113 -7.87 -6.71 33.37
N ILE B 114 -7.13 -7.41 34.24
CA ILE B 114 -5.99 -8.28 33.85
C ILE B 114 -6.50 -9.33 32.85
N ASP B 115 -7.71 -9.85 33.08
CA ASP B 115 -8.26 -10.92 32.19
C ASP B 115 -8.43 -10.31 30.81
N ASP B 116 -8.99 -9.10 30.75
CA ASP B 116 -9.23 -8.41 29.46
C ASP B 116 -7.85 -8.26 28.79
N TRP B 117 -6.81 -7.91 29.53
CA TRP B 117 -5.44 -7.78 28.95
C TRP B 117 -4.98 -9.12 28.37
N ARG B 118 -5.12 -10.23 29.12
CA ARG B 118 -4.68 -11.58 28.68
C ARG B 118 -5.47 -12.02 27.44
N ARG B 119 -6.76 -11.67 27.38
CA ARG B 119 -7.66 -12.02 26.25
C ARG B 119 -7.16 -11.31 24.96
N ILE B 120 -6.88 -10.02 25.08
CA ILE B 120 -6.45 -9.20 23.92
C ILE B 120 -5.03 -9.63 23.54
N ALA B 121 -4.13 -9.80 24.50
CA ALA B 121 -2.69 -10.02 24.25
C ALA B 121 -2.53 -11.41 23.63
N GLY B 122 -3.24 -12.40 24.18
CA GLY B 122 -3.13 -13.80 23.74
C GLY B 122 -3.45 -13.92 22.26
N VAL B 123 -4.57 -13.38 21.79
CA VAL B 123 -4.94 -13.55 20.37
C VAL B 123 -4.25 -12.50 19.50
N ASP B 124 -4.28 -11.23 19.91
CA ASP B 124 -3.90 -10.12 19.00
C ASP B 124 -2.37 -10.06 18.89
N ILE B 125 -1.62 -10.40 19.94
CA ILE B 125 -0.15 -10.37 19.88
C ILE B 125 0.38 -11.80 19.74
N ASP B 126 0.11 -12.64 20.72
CA ASP B 126 0.71 -14.00 20.75
C ASP B 126 0.32 -14.74 19.47
N GLY B 127 -0.93 -14.59 19.03
CA GLY B 127 -1.40 -15.23 17.81
C GLY B 127 -0.55 -14.88 16.60
N VAL B 128 -0.23 -13.60 16.43
CA VAL B 128 0.65 -13.19 15.30
C VAL B 128 2.05 -13.79 15.48
N VAL B 129 2.61 -13.72 16.69
CA VAL B 129 3.99 -14.22 16.93
C VAL B 129 4.03 -15.73 16.63
N PHE B 130 3.09 -16.47 17.19
CA PHE B 130 3.09 -17.95 17.10
C PHE B 130 2.82 -18.39 15.66
N CYS B 131 1.76 -17.86 15.04
CA CYS B 131 1.40 -18.31 13.68
C CYS B 131 2.54 -17.92 12.74
N SER B 132 3.21 -16.78 12.96
CA SER B 132 4.31 -16.38 12.03
C SER B 132 5.53 -17.30 12.22
N LYS B 133 5.93 -17.53 13.47
CA LYS B 133 7.10 -18.36 13.83
C LYS B 133 6.93 -19.78 13.25
N PHE B 134 5.73 -20.36 13.35
CA PHE B 134 5.50 -21.78 12.94
C PHE B 134 5.18 -21.92 11.44
N ALA B 135 4.63 -20.90 10.77
CA ALA B 135 4.40 -20.89 9.31
C ALA B 135 5.73 -20.65 8.58
N LEU B 136 6.63 -19.89 9.19
CA LEU B 136 7.81 -19.34 8.44
C LEU B 136 8.64 -20.43 7.79
N PRO B 137 8.95 -21.56 8.45
CA PRO B 137 9.75 -22.60 7.79
C PRO B 137 9.10 -23.06 6.46
N HIS B 138 7.76 -23.16 6.41
CA HIS B 138 6.97 -23.52 5.22
C HIS B 138 7.04 -22.40 4.19
N LEU B 139 6.81 -21.18 4.65
CA LEU B 139 6.84 -19.98 3.76
C LEU B 139 8.23 -19.81 3.16
N LEU B 140 9.29 -20.11 3.90
CA LEU B 140 10.65 -19.93 3.34
C LEU B 140 10.79 -20.87 2.14
N LYS B 141 10.14 -22.04 2.17
CA LYS B 141 10.34 -23.04 1.11
C LYS B 141 9.68 -22.54 -0.17
N THR B 142 8.56 -21.80 -0.06
CA THR B 142 7.77 -21.34 -1.23
C THR B 142 8.04 -19.88 -1.59
N LYS B 143 8.91 -19.19 -0.85
CA LYS B 143 9.07 -17.72 -0.94
C LYS B 143 7.69 -17.08 -0.88
N GLY B 144 6.88 -17.53 0.05
CA GLY B 144 5.57 -16.94 0.32
C GLY B 144 5.67 -15.68 1.17
N CYS B 145 4.56 -15.26 1.75
CA CYS B 145 4.47 -14.01 2.49
C CYS B 145 3.49 -14.14 3.66
N ILE B 146 3.50 -13.10 4.50
CA ILE B 146 2.58 -12.90 5.64
C ILE B 146 1.91 -11.56 5.44
N VAL B 147 0.59 -11.55 5.61
CA VAL B 147 -0.19 -10.31 5.79
C VAL B 147 -0.83 -10.36 7.17
N ASN B 148 -0.43 -9.44 8.04
CA ASN B 148 -1.02 -9.24 9.39
C ASN B 148 -2.27 -8.37 9.25
N THR B 149 -3.36 -8.73 9.94
CA THR B 149 -4.45 -7.76 10.17
C THR B 149 -4.05 -6.98 11.41
N ALA B 150 -3.44 -5.83 11.23
CA ALA B 150 -3.21 -4.87 12.32
C ALA B 150 -4.49 -4.03 12.43
N SER B 151 -4.40 -2.72 12.48
CA SER B 151 -5.56 -1.83 12.70
C SER B 151 -5.10 -0.40 12.57
N GLN B 152 -6.00 0.51 12.18
CA GLN B 152 -5.88 1.96 12.48
C GLN B 152 -5.40 2.12 13.96
N SER B 153 -5.94 1.28 14.86
CA SER B 153 -5.70 1.31 16.32
C SER B 153 -4.27 0.86 16.65
N GLY B 154 -3.52 0.35 15.67
CA GLY B 154 -2.11 0.06 15.92
C GLY B 154 -1.19 1.15 15.45
N LEU B 155 -1.70 2.11 14.68
CA LEU B 155 -0.90 3.22 14.08
C LEU B 155 -0.98 4.48 14.94
N GLY B 156 -1.93 4.56 15.86
CA GLY B 156 -1.99 5.65 16.82
C GLY B 156 -2.96 5.24 17.91
N GLY B 157 -3.22 6.12 18.87
CA GLY B 157 -4.08 5.68 19.98
C GLY B 157 -5.55 5.91 19.68
N ASP B 158 -6.39 5.26 20.50
CA ASP B 158 -7.85 5.55 20.55
C ASP B 158 -8.12 6.07 21.96
N TRP B 159 -9.23 6.80 22.14
CA TRP B 159 -9.87 6.94 23.47
C TRP B 159 -10.62 5.64 23.77
N GLY B 160 -10.36 5.02 24.91
CA GLY B 160 -11.19 3.94 25.46
C GLY B 160 -10.92 2.60 24.80
N ALA B 161 -9.66 2.28 24.50
CA ALA B 161 -9.29 0.93 24.02
C ALA B 161 -7.80 0.70 24.26
N ALA B 162 -7.34 0.85 25.51
CA ALA B 162 -5.89 1.03 25.78
C ALA B 162 -5.14 -0.28 25.49
N TYR B 163 -5.64 -1.39 26.02
CA TYR B 163 -5.04 -2.72 25.78
C TYR B 163 -5.01 -3.04 24.28
N TYR B 164 -6.10 -2.73 23.59
CA TYR B 164 -6.26 -3.05 22.14
C TYR B 164 -5.17 -2.29 21.36
N CYS B 165 -5.01 -1.02 21.67
CA CYS B 165 -3.99 -0.16 21.02
C CYS B 165 -2.60 -0.69 21.31
N ALA B 166 -2.32 -1.15 22.52
CA ALA B 166 -1.01 -1.71 22.85
C ALA B 166 -0.78 -2.95 21.97
N ALA B 167 -1.78 -3.82 21.82
CA ALA B 167 -1.65 -5.11 21.12
C ALA B 167 -1.46 -4.80 19.63
N LYS B 168 -2.28 -3.94 19.05
CA LYS B 168 -2.17 -3.64 17.61
C LYS B 168 -0.87 -2.87 17.34
N GLY B 169 -0.42 -1.99 18.25
CA GLY B 169 0.92 -1.37 18.20
C GLY B 169 2.03 -2.41 18.08
N ALA B 170 1.96 -3.48 18.89
CA ALA B 170 2.89 -4.61 18.85
C ALA B 170 2.86 -5.25 17.45
N VAL B 171 1.68 -5.43 16.88
CA VAL B 171 1.58 -6.09 15.56
C VAL B 171 2.22 -5.20 14.49
N VAL B 172 1.94 -3.91 14.51
CA VAL B 172 2.51 -2.97 13.49
C VAL B 172 4.04 -3.04 13.56
N ASN B 173 4.65 -2.98 14.75
CA ASN B 173 6.14 -2.95 14.84
C ASN B 173 6.73 -4.35 14.67
N LEU B 174 6.02 -5.40 15.08
CA LEU B 174 6.47 -6.79 14.79
C LEU B 174 6.49 -7.02 13.28
N THR B 175 5.51 -6.49 12.54
CA THR B 175 5.47 -6.59 11.07
C THR B 175 6.77 -6.02 10.54
N ARG B 176 7.15 -4.84 11.01
CA ARG B 176 8.43 -4.19 10.57
C ARG B 176 9.65 -5.10 10.87
N ALA B 177 9.80 -5.54 12.11
CA ALA B 177 10.99 -6.32 12.57
C ALA B 177 11.09 -7.62 11.77
N MET B 178 9.98 -8.34 11.62
CA MET B 178 9.97 -9.64 10.91
C MET B 178 10.30 -9.43 9.42
N ALA B 179 9.82 -8.35 8.81
CA ALA B 179 10.07 -8.04 7.40
C ALA B 179 11.58 -7.85 7.19
N LEU B 180 12.25 -7.23 8.13
CA LEU B 180 13.72 -7.04 8.13
C LEU B 180 14.39 -8.41 8.28
N ASP B 181 13.90 -9.28 9.18
CA ASP B 181 14.54 -10.59 9.48
C ASP B 181 14.39 -11.51 8.26
N HIS B 182 13.25 -11.46 7.56
CA HIS B 182 12.91 -12.58 6.64
C HIS B 182 12.79 -12.13 5.18
N GLY B 183 12.59 -10.83 4.91
CA GLY B 183 12.39 -10.33 3.53
C GLY B 183 13.50 -10.77 2.57
N GLY B 184 14.73 -10.70 3.04
CA GLY B 184 15.93 -11.01 2.22
C GLY B 184 16.06 -12.51 1.96
N ASP B 185 15.37 -13.35 2.73
CA ASP B 185 15.27 -14.82 2.54
C ASP B 185 14.01 -15.17 1.72
N GLY B 186 13.29 -14.17 1.24
CA GLY B 186 12.24 -14.35 0.25
C GLY B 186 10.86 -14.40 0.85
N VAL B 187 10.72 -14.04 2.14
CA VAL B 187 9.38 -13.97 2.77
C VAL B 187 9.07 -12.51 3.13
N ARG B 188 8.25 -11.90 2.31
CA ARG B 188 7.79 -10.52 2.53
C ARG B 188 6.78 -10.55 3.67
N ILE B 189 6.78 -9.51 4.52
CA ILE B 189 5.88 -9.45 5.70
C ILE B 189 5.32 -8.03 5.80
N ASN B 190 3.99 -7.93 5.72
CA ASN B 190 3.31 -6.62 5.67
C ASN B 190 2.02 -6.74 6.50
N SER B 191 1.37 -5.61 6.75
CA SER B 191 0.05 -5.57 7.41
C SER B 191 -0.92 -4.73 6.59
N VAL B 192 -2.17 -4.98 6.87
CA VAL B 192 -3.26 -4.01 6.60
C VAL B 192 -3.74 -3.43 7.94
N CYS B 193 -4.02 -2.14 7.91
CA CYS B 193 -4.39 -1.31 9.09
C CYS B 193 -5.77 -0.73 8.78
N PRO B 194 -6.84 -1.56 8.86
CA PRO B 194 -8.17 -1.07 8.53
C PRO B 194 -8.73 -0.14 9.62
N SER B 195 -9.50 0.85 9.20
CA SER B 195 -10.47 1.57 10.08
C SER B 195 -11.56 0.58 10.52
N LEU B 196 -12.61 1.01 11.20
CA LEU B 196 -13.61 0.02 11.70
C LEU B 196 -14.37 -0.55 10.49
N VAL B 197 -14.43 -1.86 10.35
CA VAL B 197 -14.97 -2.47 9.11
C VAL B 197 -16.50 -2.56 9.30
N LYS B 198 -17.26 -2.24 8.26
CA LYS B 198 -18.74 -2.45 8.23
C LYS B 198 -19.04 -3.90 8.63
N THR B 199 -19.79 -4.10 9.72
CA THR B 199 -20.34 -5.39 10.19
C THR B 199 -21.84 -5.21 10.42
N ASN B 200 -22.42 -6.01 11.32
CA ASN B 200 -23.73 -5.76 11.98
C ASN B 200 -23.51 -5.46 13.47
N MET B 201 -22.28 -5.74 13.95
CA MET B 201 -21.64 -5.19 15.19
C MET B 201 -21.10 -3.77 14.91
N THR B 202 -21.46 -3.17 13.75
CA THR B 202 -21.34 -1.72 13.43
C THR B 202 -22.65 -1.20 12.83
N ASN B 203 -23.29 -1.97 11.93
CA ASN B 203 -24.62 -1.64 11.34
C ASN B 203 -25.65 -1.48 12.46
N GLY B 204 -25.41 -2.11 13.61
CA GLY B 204 -26.28 -2.04 14.81
C GLY B 204 -26.12 -0.76 15.62
N TRP B 205 -25.10 0.06 15.34
CA TRP B 205 -24.82 1.34 16.07
C TRP B 205 -25.81 2.43 15.63
N PRO B 206 -26.23 3.34 16.53
CA PRO B 206 -27.11 4.46 16.17
C PRO B 206 -26.48 5.46 15.20
N GLN B 207 -27.31 6.25 14.52
CA GLN B 207 -26.87 7.19 13.46
C GLN B 207 -25.99 8.29 14.08
N GLU B 208 -26.26 8.69 15.32
CA GLU B 208 -25.39 9.64 16.07
C GLU B 208 -23.96 9.08 16.04
N ILE B 209 -23.78 7.80 16.42
CA ILE B 209 -22.45 7.17 16.64
C ILE B 209 -21.78 6.88 15.30
N ARG B 210 -22.51 6.40 14.29
CA ARG B 210 -21.93 6.06 12.96
C ARG B 210 -21.56 7.35 12.22
N ASP B 211 -22.23 8.46 12.51
CA ASP B 211 -21.91 9.77 11.89
C ASP B 211 -20.58 10.30 12.43
N LYS B 212 -20.28 10.02 13.71
CA LYS B 212 -19.04 10.49 14.37
C LYS B 212 -17.83 9.79 13.73
N PHE B 213 -17.93 8.47 13.50
CA PHE B 213 -16.89 7.69 12.78
C PHE B 213 -16.73 8.24 11.36
N ASN B 214 -17.83 8.46 10.64
CA ASN B 214 -17.79 8.87 9.21
C ASN B 214 -17.22 10.28 9.07
N GLU B 215 -17.50 11.18 10.01
CA GLU B 215 -16.94 12.56 9.94
C GLU B 215 -15.41 12.48 9.88
N ARG B 216 -14.79 11.50 10.55
CA ARG B 216 -13.32 11.43 10.71
C ARG B 216 -12.67 10.78 9.47
N ILE B 217 -13.45 10.13 8.60
CA ILE B 217 -12.96 9.40 7.41
C ILE B 217 -13.34 10.22 6.18
N ALA B 218 -12.36 10.73 5.42
CA ALA B 218 -12.59 11.61 4.27
C ALA B 218 -13.54 10.93 3.28
N LEU B 219 -13.46 9.60 3.10
CA LEU B 219 -14.36 8.90 2.13
C LEU B 219 -15.79 8.83 2.68
N GLY B 220 -15.98 9.11 3.97
CA GLY B 220 -17.32 9.41 4.54
C GLY B 220 -18.17 8.17 4.74
N ARG B 221 -17.54 7.01 4.89
CA ARG B 221 -18.21 5.71 5.10
C ARG B 221 -17.19 4.78 5.74
N ALA B 222 -17.67 3.67 6.27
CA ALA B 222 -16.87 2.56 6.82
C ALA B 222 -16.30 1.71 5.68
N ALA B 223 -15.16 1.04 5.94
CA ALA B 223 -14.52 0.07 5.04
C ALA B 223 -15.45 -1.12 4.85
N GLU B 224 -15.65 -1.55 3.61
CA GLU B 224 -16.25 -2.88 3.37
C GLU B 224 -15.16 -3.92 3.64
N PRO B 225 -15.51 -5.11 4.18
CA PRO B 225 -14.54 -6.20 4.31
C PRO B 225 -13.87 -6.61 3.00
N GLU B 226 -14.58 -6.54 1.88
CA GLU B 226 -14.03 -6.87 0.53
C GLU B 226 -12.91 -5.89 0.19
N GLU B 227 -13.02 -4.64 0.65
CA GLU B 227 -12.03 -3.59 0.34
C GLU B 227 -10.73 -3.89 1.10
N VAL B 228 -10.81 -4.50 2.28
CA VAL B 228 -9.63 -4.92 3.09
C VAL B 228 -9.02 -6.19 2.47
N ALA B 229 -9.87 -7.14 2.09
CA ALA B 229 -9.46 -8.38 1.39
C ALA B 229 -8.67 -8.04 0.10
N ALA B 230 -9.12 -7.04 -0.65
CA ALA B 230 -8.50 -6.64 -1.93
C ALA B 230 -7.04 -6.24 -1.67
N VAL B 231 -6.80 -5.53 -0.58
CA VAL B 231 -5.43 -5.08 -0.21
C VAL B 231 -4.58 -6.29 0.24
N MET B 232 -5.16 -7.22 0.99
CA MET B 232 -4.45 -8.42 1.44
C MET B 232 -4.02 -9.19 0.20
N ALA B 233 -4.90 -9.32 -0.80
CA ALA B 233 -4.58 -10.09 -2.03
C ALA B 233 -3.46 -9.35 -2.77
N PHE B 234 -3.57 -8.04 -2.89
CA PHE B 234 -2.51 -7.23 -3.56
C PHE B 234 -1.17 -7.46 -2.83
N LEU B 235 -1.16 -7.39 -1.49
CA LEU B 235 0.11 -7.52 -0.74
C LEU B 235 0.71 -8.90 -0.94
N ALA B 236 -0.11 -9.91 -1.29
CA ALA B 236 0.39 -11.29 -1.45
C ALA B 236 0.83 -11.54 -2.89
N SER B 237 0.51 -10.62 -3.80
CA SER B 237 0.73 -10.73 -5.27
C SER B 237 2.16 -10.33 -5.66
N ASP B 238 2.56 -10.74 -6.87
CA ASP B 238 3.88 -10.40 -7.45
C ASP B 238 3.96 -8.89 -7.66
N ASP B 239 2.84 -8.22 -7.82
CA ASP B 239 2.81 -6.75 -7.99
C ASP B 239 3.36 -6.08 -6.73
N ALA B 240 3.29 -6.75 -5.58
CA ALA B 240 3.83 -6.22 -4.30
C ALA B 240 5.25 -6.73 -4.02
N SER B 241 5.98 -7.16 -5.04
CA SER B 241 7.34 -7.74 -4.90
C SER B 241 8.31 -6.84 -4.11
N PHE B 242 8.16 -5.52 -4.16
CA PHE B 242 9.09 -4.58 -3.48
C PHE B 242 8.45 -3.93 -2.25
N ILE B 243 7.28 -4.43 -1.85
CA ILE B 243 6.61 -3.96 -0.61
C ILE B 243 6.89 -4.93 0.52
N ASN B 244 7.58 -4.45 1.53
CA ASN B 244 8.03 -5.27 2.67
C ASN B 244 8.10 -4.39 3.91
N GLY B 245 7.53 -4.85 5.01
CA GLY B 245 7.57 -4.14 6.27
C GLY B 245 6.55 -3.03 6.34
N ALA B 246 5.64 -2.94 5.37
CA ALA B 246 4.66 -1.84 5.25
C ALA B 246 3.42 -2.18 6.10
N ASN B 247 2.87 -1.16 6.70
CA ASN B 247 1.60 -1.21 7.46
C ASN B 247 0.61 -0.36 6.65
N ILE B 248 -0.14 -0.98 5.74
CA ILE B 248 -0.94 -0.23 4.72
C ILE B 248 -2.23 0.24 5.36
N PRO B 249 -2.44 1.58 5.48
CA PRO B 249 -3.72 2.10 5.96
C PRO B 249 -4.83 1.82 4.94
N VAL B 250 -5.88 1.15 5.38
CA VAL B 250 -7.09 0.87 4.56
C VAL B 250 -8.26 1.52 5.30
N ASP B 251 -8.30 2.85 5.23
CA ASP B 251 -9.01 3.62 6.27
C ASP B 251 -9.68 4.86 5.68
N GLY B 252 -9.71 5.01 4.36
CA GLY B 252 -10.40 6.10 3.67
C GLY B 252 -9.81 7.46 3.98
N GLY B 253 -8.58 7.52 4.50
CA GLY B 253 -7.99 8.81 4.92
C GLY B 253 -7.91 8.97 6.43
N ALA B 254 -8.39 8.04 7.25
CA ALA B 254 -8.53 8.26 8.73
C ALA B 254 -7.17 8.67 9.32
N THR B 255 -6.10 7.92 9.03
CA THR B 255 -4.76 8.18 9.64
C THR B 255 -4.00 9.28 8.90
N ALA B 256 -4.49 9.75 7.76
CA ALA B 256 -3.84 10.87 7.05
C ALA B 256 -4.03 12.19 7.84
N SER B 257 -5.01 12.27 8.76
CA SER B 257 -5.32 13.47 9.56
C SER B 257 -4.29 13.61 10.69
N ASP B 258 -3.91 14.85 10.97
CA ASP B 258 -3.06 15.25 12.12
C ASP B 258 -3.91 15.29 13.39
N GLY B 259 -5.19 14.91 13.33
CA GLY B 259 -6.07 14.90 14.52
C GLY B 259 -6.92 16.18 14.63
N ALA B 260 -6.61 17.23 13.87
CA ALA B 260 -7.38 18.49 13.93
C ALA B 260 -8.82 18.20 13.48
N PRO B 261 -9.82 18.93 13.99
CA PRO B 261 -11.20 18.66 13.59
C PRO B 261 -11.43 19.07 12.15
N LYS B 262 -12.46 18.49 11.51
CA LYS B 262 -12.92 18.97 10.21
C LYS B 262 -13.89 20.15 10.45
N ILE B 263 -13.57 21.36 9.99
CA ILE B 263 -14.44 22.58 10.11
C ILE B 263 -15.01 22.88 8.73
PA NAD C . 14.30 9.43 -14.35
O1A NAD C . 15.41 10.41 -14.45
O2A NAD C . 14.41 8.09 -14.99
O5B NAD C . 12.89 9.98 -14.80
C5B NAD C . 12.42 11.23 -14.36
C4B NAD C . 11.75 11.90 -15.54
O4B NAD C . 11.15 13.14 -15.12
C3B NAD C . 12.72 12.24 -16.69
O3B NAD C . 12.19 11.74 -17.91
C2B NAD C . 12.76 13.76 -16.66
O2B NAD C . 13.10 14.27 -17.95
C1B NAD C . 11.38 14.11 -16.12
N9A NAD C . 11.31 15.45 -15.56
C8A NAD C . 12.18 16.01 -14.67
N7A NAD C . 11.92 17.26 -14.40
C5A NAD C . 10.82 17.57 -15.18
C6A NAD C . 10.11 18.78 -15.36
N6A NAD C . 10.42 19.94 -14.79
N1A NAD C . 9.08 18.73 -16.23
C2A NAD C . 8.80 17.58 -16.85
N3A NAD C . 9.41 16.41 -16.77
C4A NAD C . 10.44 16.46 -15.91
O3 NAD C . 14.19 9.21 -12.75
PN NAD C . 13.09 8.43 -11.90
O1N NAD C . 12.20 7.53 -12.72
O2N NAD C . 13.94 7.81 -10.85
O5D NAD C . 12.25 9.64 -11.23
C5D NAD C . 10.84 9.65 -11.14
C4D NAD C . 10.41 10.03 -9.74
O4D NAD C . 10.86 9.00 -8.79
C3D NAD C . 10.96 11.37 -9.21
O3D NAD C . 9.95 12.18 -8.60
C2D NAD C . 12.00 10.91 -8.19
O2D NAD C . 12.24 11.88 -7.20
C1D NAD C . 11.31 9.67 -7.66
N1N NAD C . 12.20 8.78 -6.88
C2N NAD C . 13.35 8.23 -7.42
C3N NAD C . 14.02 7.23 -6.76
C7N NAD C . 15.14 6.46 -7.40
O7N NAD C . 15.94 5.88 -6.66
N7N NAD C . 15.25 6.49 -8.73
C4N NAD C . 13.65 6.90 -5.45
C5N NAD C . 12.52 7.47 -4.90
C6N NAD C . 11.78 8.38 -5.63
NA NA D . 22.09 10.01 -13.70
C1 EDO E . 9.34 26.46 -2.32
O1 EDO E . 9.62 27.89 -2.31
C2 EDO E . 8.19 26.09 -3.24
O2 EDO E . 8.42 26.39 -4.61
C1 EDO F . 15.97 8.01 -2.22
O1 EDO F . 17.36 8.33 -2.29
C2 EDO F . 15.09 8.75 -3.19
O2 EDO F . 15.67 9.35 -4.37
C1 EDO G . 18.33 2.39 -16.73
O1 EDO G . 18.38 3.06 -17.94
C2 EDO G . 18.68 3.28 -15.63
O2 EDO G . 20.07 3.48 -15.46
C1 EDO H . 13.51 24.75 -12.58
O1 EDO H . 12.59 25.47 -11.77
C2 EDO H . 12.86 24.09 -13.74
O2 EDO H . 12.50 24.99 -14.79
NA NA I . -14.22 1.94 8.66
C1 EDO J . -14.06 -27.07 11.51
O1 EDO J . -14.86 -27.88 10.63
C2 EDO J . -13.53 -27.83 12.69
O2 EDO J . -14.57 -28.32 13.52
#